data_1DQK
#
_entry.id   1DQK
#
_cell.length_a   49.840
_cell.length_b   93.210
_cell.length_c   99.970
_cell.angle_alpha   90.00
_cell.angle_beta   90.00
_cell.angle_gamma   90.00
#
_symmetry.space_group_name_H-M   'P 21 21 21'
#
loop_
_entity.id
_entity.type
_entity.pdbx_description
1 polymer 'SUPEROXIDE REDUCTASE'
2 non-polymer 'FE (II) ION'
3 water water
#
_entity_poly.entity_id   1
_entity_poly.type   'polypeptide(L)'
_entity_poly.pdbx_seq_one_letter_code
;MISETIRSGDWKGEKHVPVIEYEREGELVKVKVQVGKEIPHPNTTEHHIRYIELYFLPEGENFVYQVGRVEFTAHGESVN
GPNTSDVYTEPIAYFVLKTKKKGKLYALSYCNIHGLWENEVTLE
;
_entity_poly.pdbx_strand_id   A,B,C,D
#
loop_
_chem_comp.id
_chem_comp.type
_chem_comp.name
_chem_comp.formula
FE2 non-polymer 'FE (II) ION' 'Fe 2'
#
# COMPACT_ATOMS: atom_id res chain seq x y z
N MET A 1 2.94 23.73 1.43
CA MET A 1 2.44 22.86 0.32
C MET A 1 3.35 21.67 0.10
N ILE A 2 2.77 20.48 0.03
CA ILE A 2 3.55 19.27 -0.19
C ILE A 2 4.20 19.31 -1.57
N SER A 3 3.59 20.07 -2.48
CA SER A 3 4.11 20.20 -3.84
C SER A 3 5.54 20.74 -3.86
N GLU A 4 5.96 21.38 -2.76
CA GLU A 4 7.32 21.90 -2.67
C GLU A 4 8.35 20.80 -2.51
N THR A 5 7.88 19.55 -2.35
CA THR A 5 8.78 18.42 -2.20
C THR A 5 8.71 17.51 -3.43
N ILE A 6 7.84 17.86 -4.37
CA ILE A 6 7.69 17.05 -5.56
C ILE A 6 8.43 17.63 -6.75
N ARG A 7 9.32 16.83 -7.33
CA ARG A 7 10.10 17.29 -8.46
C ARG A 7 9.55 16.79 -9.79
N SER A 8 9.85 17.54 -10.84
CA SER A 8 9.39 17.18 -12.17
C SER A 8 10.54 17.36 -13.14
N GLY A 9 10.24 17.23 -14.41
CA GLY A 9 11.30 17.43 -15.35
C GLY A 9 11.20 16.67 -16.63
N ASP A 10 12.32 16.70 -17.33
CA ASP A 10 12.42 16.03 -18.59
C ASP A 10 13.05 14.68 -18.38
N TRP A 11 12.25 13.68 -18.60
CA TRP A 11 12.67 12.31 -18.44
C TRP A 11 13.82 11.90 -19.36
N LYS A 12 14.18 12.80 -20.28
CA LYS A 12 15.28 12.55 -21.22
C LYS A 12 16.62 12.81 -20.53
N GLY A 13 16.62 13.79 -19.64
CA GLY A 13 17.82 14.12 -18.90
C GLY A 13 17.68 13.70 -17.45
N GLU A 14 16.44 13.64 -16.97
CA GLU A 14 16.17 13.23 -15.59
C GLU A 14 15.65 11.80 -15.45
N LYS A 15 16.47 10.93 -14.89
CA LYS A 15 16.12 9.52 -14.71
C LYS A 15 14.99 9.24 -13.71
N HIS A 16 14.72 10.16 -12.80
CA HIS A 16 13.68 9.94 -11.81
C HIS A 16 12.26 10.21 -12.31
N VAL A 17 12.13 10.97 -13.39
CA VAL A 17 10.81 11.31 -13.94
C VAL A 17 10.01 10.10 -14.43
N PRO A 18 8.82 9.88 -13.86
CA PRO A 18 8.02 8.73 -14.29
C PRO A 18 7.49 9.01 -15.71
N VAL A 19 7.68 8.07 -16.61
CA VAL A 19 7.22 8.23 -17.98
C VAL A 19 5.90 7.51 -18.17
N ILE A 20 4.88 8.25 -18.60
CA ILE A 20 3.55 7.68 -18.81
C ILE A 20 3.20 7.48 -20.29
N GLU A 21 2.77 6.27 -20.63
CA GLU A 21 2.37 5.94 -22.00
C GLU A 21 1.09 5.12 -21.91
N TYR A 22 0.21 5.26 -22.90
CA TYR A 22 -1.03 4.51 -22.87
C TYR A 22 -1.55 4.10 -24.24
N GLU A 23 -2.40 3.08 -24.26
CA GLU A 23 -3.00 2.57 -25.48
C GLU A 23 -4.47 2.28 -25.22
N ARG A 24 -5.34 3.13 -25.76
CA ARG A 24 -6.77 2.99 -25.59
C ARG A 24 -7.39 1.97 -26.54
N GLU A 25 -7.82 0.84 -25.99
CA GLU A 25 -8.45 -0.21 -26.78
C GLU A 25 -9.89 -0.38 -26.31
N GLY A 26 -10.82 0.23 -27.04
CA GLY A 26 -12.22 0.14 -26.67
C GLY A 26 -12.48 0.97 -25.43
N GLU A 27 -13.18 0.38 -24.46
CA GLU A 27 -13.47 1.08 -23.22
C GLU A 27 -12.30 0.88 -22.25
N LEU A 28 -11.29 0.15 -22.73
CA LEU A 28 -10.10 -0.14 -21.94
C LEU A 28 -8.94 0.77 -22.27
N VAL A 29 -8.33 1.34 -21.24
CA VAL A 29 -7.17 2.19 -21.40
C VAL A 29 -6.03 1.51 -20.65
N LYS A 30 -5.03 1.04 -21.40
CA LYS A 30 -3.88 0.37 -20.80
C LYS A 30 -2.76 1.38 -20.62
N VAL A 31 -2.41 1.63 -19.36
CA VAL A 31 -1.38 2.61 -19.05
C VAL A 31 -0.11 1.98 -18.52
N LYS A 32 1.01 2.42 -19.06
CA LYS A 32 2.32 1.95 -18.65
C LYS A 32 3.07 3.13 -18.05
N VAL A 33 3.59 2.95 -16.84
CA VAL A 33 4.36 4.00 -16.19
C VAL A 33 5.65 3.39 -15.70
N GLN A 34 6.77 4.02 -16.01
CA GLN A 34 8.04 3.49 -15.55
C GLN A 34 9.02 4.60 -15.27
N VAL A 35 9.99 4.27 -14.43
CA VAL A 35 11.03 5.21 -14.05
C VAL A 35 12.35 4.67 -14.60
N GLY A 36 13.04 5.50 -15.39
CA GLY A 36 14.31 5.08 -15.94
C GLY A 36 14.25 4.54 -17.35
N LYS A 37 13.38 5.12 -18.17
CA LYS A 37 13.21 4.68 -19.56
C LYS A 37 14.42 5.02 -20.43
N GLU A 38 14.95 6.24 -20.30
CA GLU A 38 16.12 6.66 -21.07
C GLU A 38 17.30 6.47 -20.13
N ILE A 39 17.21 7.14 -18.99
CA ILE A 39 18.26 6.95 -18.02
C ILE A 39 17.73 6.06 -16.94
N PRO A 40 18.31 4.86 -16.87
CA PRO A 40 18.19 3.67 -16.01
C PRO A 40 18.32 4.13 -14.57
N HIS A 41 17.43 3.71 -13.68
CA HIS A 41 17.58 4.12 -12.29
C HIS A 41 18.15 2.97 -11.48
N PRO A 42 19.04 3.28 -10.53
CA PRO A 42 19.58 2.18 -9.73
C PRO A 42 18.49 1.40 -8.99
N ASN A 43 18.76 0.14 -8.71
CA ASN A 43 17.82 -0.69 -7.96
C ASN A 43 18.66 -1.55 -7.05
N THR A 44 19.08 -0.96 -5.94
CA THR A 44 19.89 -1.64 -4.96
C THR A 44 19.20 -1.52 -3.62
N THR A 45 19.68 -2.28 -2.65
CA THR A 45 19.12 -2.25 -1.32
C THR A 45 19.16 -0.83 -0.74
N GLU A 46 20.22 -0.10 -1.05
CA GLU A 46 20.40 1.26 -0.56
C GLU A 46 19.73 2.37 -1.35
N HIS A 47 19.45 2.10 -2.63
CA HIS A 47 18.86 3.13 -3.50
C HIS A 47 17.93 2.48 -4.53
N HIS A 48 16.64 2.83 -4.47
CA HIS A 48 15.66 2.22 -5.38
C HIS A 48 14.32 2.96 -5.40
N ILE A 49 13.55 2.74 -6.46
CA ILE A 49 12.22 3.36 -6.57
C ILE A 49 11.26 2.46 -5.80
N ARG A 50 10.54 3.05 -4.83
CA ARG A 50 9.61 2.28 -4.00
C ARG A 50 8.25 1.99 -4.63
N TYR A 51 7.71 2.94 -5.37
CA TYR A 51 6.39 2.75 -5.97
C TYR A 51 6.02 3.80 -7.00
N ILE A 52 4.95 3.54 -7.73
CA ILE A 52 4.42 4.48 -8.71
C ILE A 52 2.91 4.47 -8.51
N GLU A 53 2.32 5.65 -8.53
CA GLU A 53 0.87 5.78 -8.38
C GLU A 53 0.33 6.50 -9.61
N LEU A 54 -0.86 6.10 -10.04
CA LEU A 54 -1.48 6.72 -11.20
C LEU A 54 -2.81 7.34 -10.81
N TYR A 55 -3.01 8.59 -11.22
CA TYR A 55 -4.24 9.32 -10.93
C TYR A 55 -4.87 9.78 -12.23
N PHE A 56 -6.18 10.01 -12.19
CA PHE A 56 -6.93 10.43 -13.36
C PHE A 56 -7.95 11.50 -13.00
N LEU A 57 -7.81 12.68 -13.60
CA LEU A 57 -8.75 13.78 -13.39
C LEU A 57 -9.52 13.93 -14.68
N PRO A 58 -10.77 13.46 -14.70
CA PRO A 58 -11.58 13.57 -15.93
C PRO A 58 -11.77 15.02 -16.35
N GLU A 59 -11.84 15.24 -17.65
CA GLU A 59 -12.00 16.58 -18.21
C GLU A 59 -13.22 17.30 -17.64
N GLY A 60 -12.99 18.48 -17.05
CA GLY A 60 -14.09 19.25 -16.50
C GLY A 60 -14.56 18.90 -15.10
N GLU A 61 -13.99 17.86 -14.51
CA GLU A 61 -14.41 17.47 -13.17
C GLU A 61 -13.51 18.07 -12.10
N ASN A 62 -14.02 18.14 -10.86
CA ASN A 62 -13.30 18.73 -9.75
C ASN A 62 -12.51 17.79 -8.85
N PHE A 63 -12.74 16.49 -8.96
CA PHE A 63 -12.04 15.55 -8.09
C PHE A 63 -11.24 14.47 -8.77
N VAL A 64 -9.95 14.45 -8.47
CA VAL A 64 -9.06 13.47 -9.05
C VAL A 64 -9.35 12.08 -8.45
N TYR A 65 -9.16 11.05 -9.26
CA TYR A 65 -9.37 9.69 -8.81
C TYR A 65 -8.05 8.95 -8.84
N GLN A 66 -7.76 8.20 -7.79
CA GLN A 66 -6.54 7.42 -7.78
C GLN A 66 -6.92 6.19 -8.58
N VAL A 67 -6.17 5.91 -9.65
CA VAL A 67 -6.47 4.77 -10.48
C VAL A 67 -5.82 3.51 -9.90
N GLY A 68 -4.61 3.66 -9.39
CA GLY A 68 -3.94 2.51 -8.83
C GLY A 68 -2.59 2.83 -8.23
N ARG A 69 -2.01 1.82 -7.58
CA ARG A 69 -0.72 1.97 -6.94
C ARG A 69 0.08 0.69 -7.07
N VAL A 70 1.33 0.82 -7.48
CA VAL A 70 2.19 -0.34 -7.63
C VAL A 70 3.43 -0.17 -6.76
N GLU A 71 3.65 -1.13 -5.87
CA GLU A 71 4.82 -1.11 -4.99
C GLU A 71 5.83 -2.12 -5.48
N PHE A 72 7.06 -1.67 -5.67
CA PHE A 72 8.17 -2.51 -6.11
C PHE A 72 8.88 -2.82 -4.79
N THR A 73 8.66 -4.03 -4.29
CA THR A 73 9.19 -4.39 -2.98
C THR A 73 10.45 -5.22 -2.80
N ALA A 74 11.04 -5.74 -3.88
CA ALA A 74 12.27 -6.51 -3.74
C ALA A 74 13.45 -5.70 -4.24
N HIS A 75 14.49 -5.58 -3.42
CA HIS A 75 15.67 -4.82 -3.83
C HIS A 75 17.01 -5.45 -3.50
N GLY A 76 17.09 -6.77 -3.62
CA GLY A 76 18.34 -7.49 -3.38
C GLY A 76 18.70 -7.87 -1.96
N GLU A 77 17.96 -7.34 -0.98
CA GLU A 77 18.24 -7.62 0.41
C GLU A 77 18.02 -9.11 0.78
N SER A 78 18.91 -9.64 1.62
CA SER A 78 18.80 -11.03 2.09
C SER A 78 19.58 -11.20 3.39
N VAL A 79 19.43 -12.36 4.03
CA VAL A 79 20.15 -12.60 5.29
C VAL A 79 21.66 -12.58 5.07
N ASN A 80 22.09 -12.65 3.81
CA ASN A 80 23.50 -12.64 3.48
C ASN A 80 24.01 -11.24 3.20
N GLY A 81 23.16 -10.24 3.47
CA GLY A 81 23.55 -8.85 3.25
C GLY A 81 22.83 -8.13 2.13
N PRO A 82 23.08 -6.82 1.97
CA PRO A 82 22.43 -6.03 0.92
C PRO A 82 22.86 -6.51 -0.47
N ASN A 83 21.96 -6.43 -1.43
CA ASN A 83 22.25 -6.83 -2.82
C ASN A 83 22.80 -8.25 -2.98
N THR A 84 22.21 -9.23 -2.31
CA THR A 84 22.70 -10.60 -2.42
C THR A 84 21.62 -11.62 -2.76
N SER A 85 20.36 -11.19 -2.79
CA SER A 85 19.26 -12.10 -3.07
C SER A 85 19.04 -12.42 -4.54
N ASP A 86 19.56 -11.59 -5.42
CA ASP A 86 19.37 -11.76 -6.86
C ASP A 86 17.88 -11.62 -7.21
N VAL A 87 17.12 -10.94 -6.35
CA VAL A 87 15.70 -10.71 -6.57
C VAL A 87 15.43 -9.21 -6.52
N TYR A 88 15.12 -8.62 -7.67
CA TYR A 88 14.85 -7.17 -7.76
C TYR A 88 13.58 -6.89 -8.55
N THR A 89 12.78 -5.96 -8.05
CA THR A 89 11.54 -5.59 -8.74
C THR A 89 11.75 -4.27 -9.48
N GLU A 90 11.70 -4.33 -10.80
CA GLU A 90 11.92 -3.16 -11.63
C GLU A 90 10.74 -2.18 -11.56
N PRO A 91 11.05 -0.87 -11.57
CA PRO A 91 10.07 0.21 -11.49
C PRO A 91 9.23 0.41 -12.76
N ILE A 92 8.52 -0.64 -13.15
CA ILE A 92 7.65 -0.61 -14.32
C ILE A 92 6.25 -0.98 -13.86
N ALA A 93 5.30 -0.08 -14.07
CA ALA A 93 3.94 -0.31 -13.65
C ALA A 93 2.94 -0.26 -14.80
N TYR A 94 2.00 -1.19 -14.75
CA TYR A 94 0.96 -1.28 -15.76
C TYR A 94 -0.39 -1.20 -15.08
N PHE A 95 -1.30 -0.42 -15.66
CA PHE A 95 -2.63 -0.25 -15.11
C PHE A 95 -3.66 -0.42 -16.23
N VAL A 96 -4.67 -1.25 -15.98
CA VAL A 96 -5.72 -1.44 -16.96
C VAL A 96 -6.90 -0.68 -16.38
N LEU A 97 -7.26 0.38 -17.08
CA LEU A 97 -8.31 1.28 -16.65
C LEU A 97 -9.53 1.20 -17.58
N LYS A 98 -10.71 1.04 -16.99
CA LYS A 98 -11.93 0.97 -17.78
C LYS A 98 -12.69 2.29 -17.66
N THR A 99 -12.69 3.06 -18.74
CA THR A 99 -13.38 4.35 -18.77
C THR A 99 -13.52 4.85 -20.21
N LYS A 100 -14.55 5.65 -20.45
CA LYS A 100 -14.78 6.22 -21.77
C LYS A 100 -14.56 7.72 -21.68
N LYS A 101 -14.16 8.19 -20.49
CA LYS A 101 -13.91 9.60 -20.29
C LYS A 101 -12.52 10.00 -20.76
N LYS A 102 -12.30 11.31 -20.86
CA LYS A 102 -11.02 11.85 -21.28
C LYS A 102 -10.59 12.75 -20.14
N GLY A 103 -9.34 13.17 -20.16
CA GLY A 103 -8.86 14.05 -19.09
C GLY A 103 -7.36 14.04 -18.99
N LYS A 104 -6.85 14.11 -17.76
CA LYS A 104 -5.41 14.12 -17.53
C LYS A 104 -4.97 13.02 -16.57
N LEU A 105 -3.90 12.33 -16.94
CA LEU A 105 -3.34 11.27 -16.12
C LEU A 105 -2.10 11.81 -15.43
N TYR A 106 -1.96 11.52 -14.14
CA TYR A 106 -0.80 11.96 -13.38
C TYR A 106 -0.09 10.74 -12.80
N ALA A 107 1.23 10.80 -12.72
CA ALA A 107 2.00 9.73 -12.15
C ALA A 107 2.80 10.32 -11.02
N LEU A 108 2.82 9.62 -9.90
CA LEU A 108 3.56 10.09 -8.73
C LEU A 108 4.46 8.92 -8.32
N SER A 109 5.76 9.17 -8.27
CA SER A 109 6.70 8.11 -7.91
C SER A 109 7.58 8.56 -6.75
N TYR A 110 8.13 7.57 -6.03
CA TYR A 110 8.96 7.87 -4.87
C TYR A 110 10.26 7.05 -4.82
N CYS A 111 11.38 7.75 -4.74
CA CYS A 111 12.69 7.11 -4.63
C CYS A 111 12.98 7.10 -3.13
N ASN A 112 13.57 6.03 -2.62
CA ASN A 112 13.84 5.96 -1.19
C ASN A 112 14.82 7.02 -0.67
N ILE A 113 15.58 7.67 -1.56
CA ILE A 113 16.50 8.71 -1.09
C ILE A 113 16.40 10.03 -1.85
N HIS A 114 15.69 10.04 -2.96
CA HIS A 114 15.56 11.26 -3.77
C HIS A 114 14.17 11.89 -3.77
N GLY A 115 13.35 11.53 -2.79
CA GLY A 115 12.03 12.11 -2.68
C GLY A 115 10.98 11.76 -3.72
N LEU A 116 9.97 12.62 -3.81
CA LEU A 116 8.84 12.46 -4.72
C LEU A 116 9.03 13.02 -6.13
N TRP A 117 8.47 12.35 -7.11
CA TRP A 117 8.58 12.77 -8.51
C TRP A 117 7.24 12.63 -9.22
N GLU A 118 6.96 13.54 -10.15
CA GLU A 118 5.70 13.49 -10.88
C GLU A 118 5.85 13.74 -12.37
N ASN A 119 4.77 13.49 -13.08
CA ASN A 119 4.66 13.71 -14.52
C ASN A 119 3.18 13.56 -14.83
N GLU A 120 2.78 14.02 -16.01
CA GLU A 120 1.38 13.95 -16.41
C GLU A 120 1.29 13.94 -17.93
N VAL A 121 0.15 13.48 -18.43
CA VAL A 121 -0.09 13.42 -19.87
C VAL A 121 -1.59 13.51 -20.08
N THR A 122 -1.99 14.06 -21.23
CA THR A 122 -3.40 14.18 -21.54
C THR A 122 -3.93 12.86 -22.06
N LEU A 123 -5.09 12.44 -21.54
CA LEU A 123 -5.70 11.21 -22.01
C LEU A 123 -6.72 11.67 -23.04
N GLU A 124 -6.36 11.53 -24.31
CA GLU A 124 -7.25 11.96 -25.38
C GLU A 124 -8.35 10.96 -25.70
N MET B 1 0.54 19.87 -13.20
CA MET B 1 1.09 19.47 -11.87
C MET B 1 0.01 18.88 -10.96
N ILE B 2 0.34 17.76 -10.31
CA ILE B 2 -0.57 17.07 -9.40
C ILE B 2 -1.09 17.98 -8.28
N SER B 3 -0.31 18.98 -7.92
CA SER B 3 -0.69 19.90 -6.87
C SER B 3 -2.01 20.59 -7.20
N GLU B 4 -2.39 20.57 -8.47
CA GLU B 4 -3.64 21.19 -8.90
C GLU B 4 -4.85 20.32 -8.56
N THR B 5 -4.59 19.10 -8.08
CA THR B 5 -5.67 18.20 -7.69
C THR B 5 -5.68 18.03 -6.17
N ILE B 6 -4.72 18.68 -5.50
CA ILE B 6 -4.63 18.57 -4.05
C ILE B 6 -5.23 19.79 -3.37
N ARG B 7 -6.16 19.54 -2.46
CA ARG B 7 -6.81 20.62 -1.74
C ARG B 7 -6.29 20.75 -0.32
N SER B 8 -6.44 21.95 0.24
CA SER B 8 -6.00 22.25 1.60
C SER B 8 -6.97 23.21 2.27
N GLY B 9 -6.74 23.50 3.54
CA GLY B 9 -7.62 24.41 4.24
C GLY B 9 -7.62 24.20 5.75
N ASP B 10 -8.46 24.95 6.45
CA ASP B 10 -8.54 24.84 7.90
C ASP B 10 -9.44 23.66 8.27
N TRP B 11 -8.98 22.85 9.22
CA TRP B 11 -9.76 21.69 9.65
C TRP B 11 -10.98 22.10 10.46
N LYS B 12 -11.12 23.40 10.73
CA LYS B 12 -12.25 23.87 11.49
C LYS B 12 -13.47 24.15 10.61
N GLY B 13 -13.30 24.00 9.30
CA GLY B 13 -14.38 24.20 8.37
C GLY B 13 -14.57 23.02 7.44
N GLU B 14 -13.45 22.51 6.92
CA GLU B 14 -13.47 21.37 6.00
C GLU B 14 -13.14 20.08 6.76
N LYS B 15 -14.18 19.30 7.07
CA LYS B 15 -14.06 18.04 7.81
C LYS B 15 -13.17 17.01 7.12
N HIS B 16 -12.49 17.45 6.07
CA HIS B 16 -11.60 16.60 5.31
C HIS B 16 -10.18 16.78 5.78
N VAL B 17 -9.66 17.98 5.55
CA VAL B 17 -8.29 18.31 5.92
C VAL B 17 -7.74 17.39 7.00
N PRO B 18 -6.59 16.76 6.73
CA PRO B 18 -5.96 15.86 7.70
C PRO B 18 -5.34 16.71 8.81
N VAL B 19 -5.60 16.38 10.07
CA VAL B 19 -5.06 17.13 11.19
C VAL B 19 -3.84 16.42 11.77
N ILE B 20 -2.71 17.11 11.82
CA ILE B 20 -1.47 16.53 12.33
C ILE B 20 -1.11 17.01 13.73
N GLU B 21 -0.85 16.06 14.62
CA GLU B 21 -0.46 16.39 15.99
C GLU B 21 0.67 15.45 16.37
N TYR B 22 1.61 15.94 17.18
CA TYR B 22 2.71 15.09 17.58
C TYR B 22 3.21 15.36 18.99
N GLU B 23 3.93 14.39 19.52
CA GLU B 23 4.51 14.46 20.85
C GLU B 23 5.93 13.91 20.78
N ARG B 24 6.90 14.77 21.05
CA ARG B 24 8.31 14.37 21.02
C ARG B 24 8.76 13.87 22.39
N GLU B 25 9.36 12.69 22.41
CA GLU B 25 9.84 12.10 23.65
C GLU B 25 11.27 11.62 23.42
N GLY B 26 12.20 12.58 23.31
CA GLY B 26 13.58 12.24 23.09
C GLY B 26 13.85 12.02 21.61
N GLU B 27 14.23 10.79 21.27
CA GLU B 27 14.52 10.44 19.88
C GLU B 27 13.23 9.98 19.22
N LEU B 28 12.21 9.75 20.03
CA LEU B 28 10.93 9.29 19.52
C LEU B 28 9.92 10.40 19.29
N VAL B 29 9.33 10.41 18.09
CA VAL B 29 8.32 11.38 17.72
C VAL B 29 7.05 10.60 17.37
N LYS B 30 6.02 10.74 18.19
CA LYS B 30 4.76 10.04 17.96
C LYS B 30 3.81 11.00 17.25
N VAL B 31 3.44 10.64 16.03
CA VAL B 31 2.57 11.48 15.23
C VAL B 31 1.18 10.89 15.04
N LYS B 32 0.18 11.77 15.18
CA LYS B 32 -1.21 11.36 15.02
C LYS B 32 -1.82 12.20 13.90
N VAL B 33 -2.44 11.53 12.94
CA VAL B 33 -3.08 12.23 11.85
C VAL B 33 -4.49 11.70 11.69
N GLN B 34 -5.45 12.60 11.52
CA GLN B 34 -6.82 12.17 11.37
C GLN B 34 -7.63 13.17 10.57
N VAL B 35 -8.63 12.63 9.89
CA VAL B 35 -9.54 13.41 9.07
C VAL B 35 -10.89 13.39 9.78
N GLY B 36 -11.49 14.55 9.99
CA GLY B 36 -12.78 14.63 10.65
C GLY B 36 -12.67 14.83 12.16
N LYS B 37 -11.75 15.68 12.57
CA LYS B 37 -11.55 15.98 13.99
C LYS B 37 -12.68 16.83 14.56
N GLU B 38 -13.22 17.71 13.73
CA GLU B 38 -14.31 18.60 14.12
C GLU B 38 -15.63 17.90 13.93
N ILE B 39 -15.98 17.86 12.66
CA ILE B 39 -17.20 17.25 12.18
C ILE B 39 -16.73 15.94 11.55
N PRO B 40 -17.16 14.81 12.10
CA PRO B 40 -16.77 13.49 11.60
C PRO B 40 -17.01 13.33 10.11
N HIS B 41 -16.07 12.66 9.44
CA HIS B 41 -16.17 12.42 8.02
C HIS B 41 -16.97 11.16 7.79
N PRO B 42 -17.81 11.13 6.75
CA PRO B 42 -18.57 9.89 6.55
C PRO B 42 -17.64 8.71 6.33
N ASN B 43 -18.12 7.52 6.68
CA ASN B 43 -17.35 6.31 6.47
C ASN B 43 -18.33 5.24 6.07
N THR B 44 -18.75 5.30 4.81
CA THR B 44 -19.70 4.37 4.25
C THR B 44 -19.05 3.68 3.06
N THR B 45 -19.71 2.63 2.56
CA THR B 45 -19.20 1.90 1.42
C THR B 45 -19.03 2.85 0.24
N GLU B 46 -19.93 3.83 0.15
CA GLU B 46 -19.89 4.77 -0.96
C GLU B 46 -19.00 5.99 -0.78
N HIS B 47 -18.76 6.40 0.47
CA HIS B 47 -17.97 7.59 0.75
C HIS B 47 -17.07 7.39 1.97
N HIS B 48 -15.75 7.37 1.75
CA HIS B 48 -14.84 7.12 2.86
C HIS B 48 -13.40 7.52 2.56
N ILE B 49 -12.64 7.72 3.63
CA ILE B 49 -11.23 8.07 3.51
C ILE B 49 -10.45 6.75 3.31
N ARG B 50 -9.67 6.69 2.23
CA ARG B 50 -8.91 5.49 1.91
C ARG B 50 -7.60 5.33 2.68
N TYR B 51 -6.89 6.44 2.87
CA TYR B 51 -5.60 6.38 3.55
C TYR B 51 -5.05 7.73 3.94
N ILE B 52 -4.00 7.69 4.74
CA ILE B 52 -3.29 8.88 5.17
C ILE B 52 -1.80 8.56 5.12
N GLU B 53 -1.04 9.44 4.49
CA GLU B 53 0.40 9.26 4.38
C GLU B 53 1.10 10.39 5.14
N LEU B 54 2.25 10.07 5.72
CA LEU B 54 3.02 11.07 6.46
C LEU B 54 4.39 11.18 5.81
N TYR B 55 4.83 12.42 5.58
CA TYR B 55 6.12 12.71 4.99
C TYR B 55 6.88 13.63 5.92
N PHE B 56 8.20 13.62 5.78
CA PHE B 56 9.07 14.45 6.61
C PHE B 56 10.25 15.03 5.82
N LEU B 57 10.30 16.36 5.75
CA LEU B 57 11.40 17.03 5.07
C LEU B 57 12.26 17.65 6.16
N PRO B 58 13.42 17.05 6.48
CA PRO B 58 14.26 17.62 7.54
C PRO B 58 14.72 19.02 7.19
N GLU B 59 14.89 19.86 8.21
CA GLU B 59 15.32 21.24 8.03
C GLU B 59 16.60 21.37 7.20
N GLY B 60 16.53 22.16 6.14
CA GLY B 60 17.69 22.39 5.30
C GLY B 60 18.04 21.30 4.31
N GLU B 61 17.25 20.23 4.25
CA GLU B 61 17.56 19.15 3.32
C GLU B 61 16.75 19.31 2.04
N ASN B 62 17.10 18.58 0.98
CA ASN B 62 16.40 18.72 -0.29
C ASN B 62 15.44 17.63 -0.66
N PHE B 63 15.55 16.48 -0.02
CA PHE B 63 14.67 15.37 -0.36
C PHE B 63 13.76 14.95 0.79
N VAL B 64 12.46 14.90 0.49
CA VAL B 64 11.47 14.52 1.47
C VAL B 64 11.47 13.00 1.66
N TYR B 65 11.17 12.56 2.88
CA TYR B 65 11.13 11.14 3.17
C TYR B 65 9.70 10.74 3.51
N GLN B 66 9.24 9.60 2.98
CA GLN B 66 7.91 9.13 3.32
C GLN B 66 8.13 8.42 4.64
N VAL B 67 7.43 8.84 5.69
CA VAL B 67 7.58 8.21 6.99
C VAL B 67 6.68 6.99 7.11
N GLY B 68 5.47 7.10 6.57
CA GLY B 68 4.56 5.96 6.64
C GLY B 68 3.27 6.11 5.86
N ARG B 69 2.51 5.03 5.79
CA ARG B 69 1.26 5.03 5.07
C ARG B 69 0.28 4.12 5.80
N VAL B 70 -0.91 4.63 6.06
CA VAL B 70 -1.92 3.85 6.74
C VAL B 70 -3.15 3.77 5.87
N GLU B 71 -3.54 2.54 5.52
CA GLU B 71 -4.70 2.34 4.70
C GLU B 71 -5.87 1.89 5.56
N PHE B 72 -7.00 2.58 5.43
CA PHE B 72 -8.21 2.22 6.18
C PHE B 72 -9.01 1.40 5.16
N THR B 73 -9.05 0.08 5.36
CA THR B 73 -9.67 -0.80 4.38
C THR B 73 -11.07 -1.39 4.59
N ALA B 74 -11.68 -1.20 5.75
CA ALA B 74 -13.02 -1.73 5.97
C ALA B 74 -14.02 -0.59 5.97
N HIS B 75 -15.06 -0.70 5.14
CA HIS B 75 -16.06 0.35 5.06
C HIS B 75 -17.50 -0.14 5.02
N GLY B 76 -17.79 -1.20 5.76
CA GLY B 76 -19.15 -1.71 5.84
C GLY B 76 -19.62 -2.69 4.78
N GLU B 77 -18.87 -2.82 3.70
CA GLU B 77 -19.25 -3.72 2.63
C GLU B 77 -19.28 -5.18 3.06
N SER B 78 -20.26 -5.93 2.55
CA SER B 78 -20.40 -7.35 2.84
C SER B 78 -21.27 -8.00 1.75
N VAL B 79 -21.36 -9.33 1.78
CA VAL B 79 -22.16 -10.06 0.80
C VAL B 79 -23.65 -9.69 0.93
N ASN B 80 -24.00 -9.02 2.01
CA ASN B 80 -25.38 -8.63 2.24
C ASN B 80 -25.65 -7.22 1.72
N GLY B 81 -24.65 -6.61 1.11
CA GLY B 81 -24.83 -5.26 0.57
C GLY B 81 -23.95 -4.18 1.19
N PRO B 82 -23.97 -2.98 0.62
CA PRO B 82 -23.16 -1.89 1.18
C PRO B 82 -23.60 -1.58 2.60
N ASN B 83 -22.65 -1.16 3.44
CA ASN B 83 -22.94 -0.80 4.84
C ASN B 83 -23.72 -1.84 5.65
N THR B 84 -23.34 -3.11 5.57
CA THR B 84 -24.04 -4.16 6.32
C THR B 84 -23.13 -5.03 7.17
N SER B 85 -21.82 -4.85 7.04
CA SER B 85 -20.86 -5.66 7.78
C SER B 85 -20.65 -5.27 9.23
N ASP B 86 -20.93 -4.01 9.56
CA ASP B 86 -20.72 -3.49 10.91
C ASP B 86 -19.22 -3.43 11.21
N VAL B 87 -18.41 -3.41 10.15
CA VAL B 87 -16.96 -3.32 10.32
C VAL B 87 -16.43 -2.13 9.53
N TYR B 88 -16.04 -1.08 10.25
CA TYR B 88 -15.51 0.13 9.64
C TYR B 88 -14.18 0.51 10.25
N THR B 89 -13.25 0.97 9.42
CA THR B 89 -11.95 1.40 9.89
C THR B 89 -11.94 2.93 9.88
N GLU B 90 -11.82 3.55 11.06
CA GLU B 90 -11.82 5.00 11.17
C GLU B 90 -10.52 5.59 10.64
N PRO B 91 -10.61 6.77 10.01
CA PRO B 91 -9.46 7.48 9.44
C PRO B 91 -8.56 8.16 10.45
N ILE B 92 -7.97 7.34 11.32
CA ILE B 92 -7.07 7.83 12.36
C ILE B 92 -5.78 7.05 12.19
N ALA B 93 -4.68 7.77 11.91
CA ALA B 93 -3.39 7.12 11.69
C ALA B 93 -2.31 7.57 12.66
N TYR B 94 -1.57 6.61 13.20
CA TYR B 94 -0.50 6.90 14.15
C TYR B 94 0.84 6.46 13.54
N PHE B 95 1.89 7.25 13.78
CA PHE B 95 3.22 6.94 13.28
C PHE B 95 4.25 7.18 14.35
N VAL B 96 5.10 6.19 14.60
CA VAL B 96 6.16 6.32 15.58
C VAL B 96 7.43 6.45 14.75
N LEU B 97 7.96 7.65 14.76
CA LEU B 97 9.15 7.98 13.99
C LEU B 97 10.35 8.19 14.91
N LYS B 98 11.49 7.60 14.55
CA LYS B 98 12.70 7.74 15.36
C LYS B 98 13.67 8.70 14.69
N THR B 99 13.77 9.91 15.22
CA THR B 99 14.67 10.92 14.67
C THR B 99 14.96 12.06 15.64
N LYS B 100 16.14 12.65 15.50
CA LYS B 100 16.54 13.76 16.35
C LYS B 100 16.51 15.05 15.52
N LYS B 101 16.20 14.90 14.24
CA LYS B 101 16.14 16.03 13.35
C LYS B 101 14.83 16.80 13.47
N LYS B 102 14.85 18.04 13.01
CA LYS B 102 13.67 18.90 13.03
C LYS B 102 13.34 19.16 11.58
N GLY B 103 12.17 19.73 11.32
CA GLY B 103 11.81 20.02 9.95
C GLY B 103 10.32 20.20 9.76
N LYS B 104 9.82 19.71 8.63
CA LYS B 104 8.41 19.85 8.31
C LYS B 104 7.74 18.50 8.06
N LEU B 105 6.57 18.32 8.66
CA LEU B 105 5.80 17.11 8.49
C LEU B 105 4.62 17.45 7.57
N TYR B 106 4.36 16.57 6.60
CA TYR B 106 3.25 16.78 5.68
C TYR B 106 2.36 15.54 5.73
N ALA B 107 1.05 15.77 5.65
CA ALA B 107 0.10 14.67 5.64
C ALA B 107 -0.63 14.75 4.30
N LEU B 108 -0.86 13.60 3.68
CA LEU B 108 -1.56 13.55 2.40
C LEU B 108 -2.62 12.47 2.55
N SER B 109 -3.87 12.85 2.35
CA SER B 109 -4.97 11.91 2.48
C SER B 109 -5.80 11.84 1.21
N TYR B 110 -6.42 10.69 0.98
CA TYR B 110 -7.25 10.51 -0.20
C TYR B 110 -8.67 10.04 0.13
N CYS B 111 -9.65 10.82 -0.32
CA CYS B 111 -11.05 10.50 -0.13
C CYS B 111 -11.46 9.82 -1.42
N ASN B 112 -12.23 8.75 -1.33
CA ASN B 112 -12.62 8.01 -2.52
C ASN B 112 -13.42 8.78 -3.57
N ILE B 113 -14.06 9.87 -3.17
CA ILE B 113 -14.83 10.68 -4.14
C ILE B 113 -14.48 12.17 -4.10
N HIS B 114 -13.67 12.58 -3.13
CA HIS B 114 -13.32 13.98 -3.00
C HIS B 114 -11.85 14.33 -3.24
N GLY B 115 -11.12 13.43 -3.89
CA GLY B 115 -9.73 13.68 -4.20
C GLY B 115 -8.74 13.68 -3.06
N LEU B 116 -7.58 14.28 -3.35
CA LEU B 116 -6.48 14.35 -2.39
C LEU B 116 -6.52 15.58 -1.51
N TRP B 117 -6.11 15.42 -0.26
CA TRP B 117 -6.09 16.52 0.69
C TRP B 117 -4.76 16.54 1.43
N GLU B 118 -4.30 17.73 1.78
CA GLU B 118 -3.02 17.87 2.47
C GLU B 118 -3.06 18.84 3.63
N ASN B 119 -1.99 18.83 4.40
CA ASN B 119 -1.78 19.71 5.54
C ASN B 119 -0.35 19.49 5.97
N GLU B 120 0.17 20.40 6.78
CA GLU B 120 1.55 20.29 7.23
C GLU B 120 1.74 21.02 8.54
N VAL B 121 2.81 20.68 9.24
CA VAL B 121 3.11 21.32 10.51
C VAL B 121 4.62 21.28 10.70
N THR B 122 5.14 22.25 11.44
CA THR B 122 6.57 22.28 11.69
C THR B 122 6.88 21.31 12.81
N LEU B 123 7.94 20.53 12.65
CA LEU B 123 8.35 19.59 13.69
C LEU B 123 9.53 20.21 14.41
N GLU B 124 9.30 20.62 15.65
CA GLU B 124 10.35 21.25 16.51
C GLU B 124 10.96 20.18 17.42
N MET C 1 -4.49 -20.09 12.54
CA MET C 1 -3.58 -19.50 11.53
C MET C 1 -4.38 -18.69 10.53
N ILE C 2 -3.76 -17.65 9.97
CA ILE C 2 -4.43 -16.79 9.00
C ILE C 2 -4.81 -17.58 7.75
N SER C 3 -4.09 -18.67 7.48
CA SER C 3 -4.36 -19.52 6.33
C SER C 3 -5.78 -20.06 6.32
N GLU C 4 -6.43 -20.08 7.48
CA GLU C 4 -7.80 -20.57 7.57
C GLU C 4 -8.79 -19.57 6.95
N THR C 5 -8.30 -18.41 6.53
CA THR C 5 -9.15 -17.40 5.92
C THR C 5 -8.82 -17.23 4.45
N ILE C 6 -7.80 -17.95 3.99
CA ILE C 6 -7.38 -17.86 2.60
C ILE C 6 -7.92 -19.03 1.79
N ARG C 7 -8.64 -18.71 0.72
CA ARG C 7 -9.21 -19.73 -0.15
C ARG C 7 -8.42 -19.90 -1.43
N SER C 8 -8.53 -21.08 -2.03
CA SER C 8 -7.85 -21.38 -3.29
C SER C 8 -8.81 -22.16 -4.17
N GLY C 9 -8.37 -22.49 -5.38
CA GLY C 9 -9.22 -23.24 -6.28
C GLY C 9 -8.81 -23.20 -7.73
N ASP C 10 -9.65 -23.79 -8.59
CA ASP C 10 -9.37 -23.81 -10.01
C ASP C 10 -10.05 -22.59 -10.64
N TRP C 11 -9.25 -21.75 -11.29
CA TRP C 11 -9.76 -20.54 -11.92
C TRP C 11 -10.67 -20.82 -13.10
N LYS C 12 -10.87 -22.08 -13.44
CA LYS C 12 -11.73 -22.42 -14.55
C LYS C 12 -13.18 -22.45 -14.08
N GLY C 13 -13.36 -22.53 -12.77
CA GLY C 13 -14.68 -22.56 -12.18
C GLY C 13 -14.85 -21.54 -11.06
N GLU C 14 -13.75 -21.06 -10.51
CA GLU C 14 -13.81 -20.07 -9.43
C GLU C 14 -13.22 -18.74 -9.87
N LYS C 15 -14.09 -17.77 -10.08
CA LYS C 15 -13.69 -16.43 -10.53
C LYS C 15 -12.73 -15.65 -9.63
N HIS C 16 -12.64 -16.01 -8.35
CA HIS C 16 -11.77 -15.31 -7.42
C HIS C 16 -10.30 -15.71 -7.47
N VAL C 17 -10.02 -16.93 -7.90
CA VAL C 17 -8.66 -17.42 -7.96
C VAL C 17 -7.74 -16.60 -8.85
N PRO C 18 -6.66 -16.02 -8.27
CA PRO C 18 -5.74 -15.22 -9.06
C PRO C 18 -4.97 -16.13 -10.01
N VAL C 19 -4.92 -15.76 -11.29
CA VAL C 19 -4.23 -16.57 -12.28
C VAL C 19 -2.86 -15.98 -12.57
N ILE C 20 -1.81 -16.78 -12.36
CA ILE C 20 -0.44 -16.34 -12.60
C ILE C 20 0.15 -16.89 -13.90
N GLU C 21 0.70 -15.99 -14.70
CA GLU C 21 1.34 -16.36 -15.96
C GLU C 21 2.63 -15.56 -16.05
N TYR C 22 3.66 -16.15 -16.63
CA TYR C 22 4.93 -15.44 -16.76
C TYR C 22 5.68 -15.76 -18.04
N GLU C 23 6.61 -14.87 -18.37
CA GLU C 23 7.45 -15.00 -19.55
C GLU C 23 8.87 -14.60 -19.14
N ARG C 24 9.79 -15.54 -19.28
CA ARG C 24 11.19 -15.30 -18.92
C ARG C 24 11.98 -14.79 -20.12
N GLU C 25 12.62 -13.64 -19.95
CA GLU C 25 13.41 -13.02 -21.01
C GLU C 25 14.77 -12.59 -20.45
N GLY C 26 15.73 -13.50 -20.46
CA GLY C 26 17.05 -13.19 -19.93
C GLY C 26 16.99 -13.28 -18.43
N GLU C 27 17.42 -12.22 -17.74
CA GLU C 27 17.38 -12.20 -16.29
C GLU C 27 16.07 -11.55 -15.87
N LEU C 28 15.25 -11.23 -16.87
CA LEU C 28 13.96 -10.60 -16.65
C LEU C 28 12.79 -11.57 -16.69
N VAL C 29 11.99 -11.56 -15.62
CA VAL C 29 10.82 -12.42 -15.54
C VAL C 29 9.59 -11.51 -15.47
N LYS C 30 8.78 -11.53 -16.53
CA LYS C 30 7.58 -10.71 -16.59
C LYS C 30 6.40 -11.54 -16.12
N VAL C 31 5.80 -11.13 -15.01
CA VAL C 31 4.68 -11.86 -14.44
C VAL C 31 3.36 -11.11 -14.55
N LYS C 32 2.33 -11.84 -14.94
CA LYS C 32 1.00 -11.28 -15.09
C LYS C 32 0.07 -12.01 -14.14
N VAL C 33 -0.66 -11.27 -13.31
CA VAL C 33 -1.59 -11.89 -12.39
C VAL C 33 -2.94 -11.21 -12.53
N GLN C 34 -4.00 -12.00 -12.63
CA GLN C 34 -5.31 -11.40 -12.75
C GLN C 34 -6.40 -12.25 -12.12
N VAL C 35 -7.47 -11.58 -11.73
CA VAL C 35 -8.60 -12.25 -11.13
C VAL C 35 -9.77 -12.09 -12.09
N GLY C 36 -10.38 -13.21 -12.47
CA GLY C 36 -11.51 -13.15 -13.38
C GLY C 36 -11.14 -13.38 -14.83
N LYS C 37 -10.15 -14.24 -15.05
CA LYS C 37 -9.70 -14.56 -16.41
C LYS C 37 -10.82 -15.24 -17.18
N GLU C 38 -11.31 -16.36 -16.64
CA GLU C 38 -12.40 -17.11 -17.25
C GLU C 38 -13.71 -16.44 -16.87
N ILE C 39 -14.10 -16.62 -15.60
CA ILE C 39 -15.33 -16.00 -15.09
C ILE C 39 -14.98 -14.61 -14.57
N PRO C 40 -15.33 -13.56 -15.32
CA PRO C 40 -15.04 -12.19 -14.90
C PRO C 40 -15.61 -11.86 -13.53
N HIS C 41 -14.84 -11.15 -12.71
CA HIS C 41 -15.29 -10.78 -11.38
C HIS C 41 -15.88 -9.39 -11.41
N PRO C 42 -16.97 -9.17 -10.65
CA PRO C 42 -17.58 -7.84 -10.64
C PRO C 42 -16.59 -6.74 -10.22
N ASN C 43 -16.87 -5.53 -10.66
CA ASN C 43 -16.05 -4.38 -10.29
C ASN C 43 -16.99 -3.20 -10.12
N THR C 44 -17.62 -3.17 -8.96
CA THR C 44 -18.56 -2.12 -8.62
C THR C 44 -18.11 -1.50 -7.31
N THR C 45 -18.76 -0.41 -6.95
CA THR C 45 -18.43 0.29 -5.73
C THR C 45 -18.65 -0.62 -4.52
N GLU C 46 -19.59 -1.54 -4.64
CA GLU C 46 -19.93 -2.46 -3.56
C GLU C 46 -19.13 -3.75 -3.51
N HIS C 47 -18.68 -4.18 -4.67
CA HIS C 47 -17.98 -5.44 -4.80
C HIS C 47 -16.87 -5.33 -5.83
N HIS C 48 -15.63 -5.56 -5.39
CA HIS C 48 -14.49 -5.43 -6.29
C HIS C 48 -13.24 -6.03 -5.69
N ILE C 49 -12.25 -6.29 -6.54
CA ILE C 49 -10.98 -6.83 -6.09
C ILE C 49 -10.15 -5.61 -5.68
N ARG C 50 -9.61 -5.63 -4.47
CA ARG C 50 -8.82 -4.52 -3.96
C ARG C 50 -7.37 -4.51 -4.39
N TYR C 51 -6.73 -5.68 -4.42
CA TYR C 51 -5.33 -5.74 -4.80
C TYR C 51 -4.84 -7.15 -5.06
N ILE C 52 -3.64 -7.23 -5.60
CA ILE C 52 -2.98 -8.50 -5.87
C ILE C 52 -1.52 -8.33 -5.44
N GLU C 53 -1.00 -9.29 -4.70
CA GLU C 53 0.38 -9.27 -4.25
C GLU C 53 1.08 -10.48 -4.85
N LEU C 54 2.37 -10.32 -5.17
CA LEU C 54 3.17 -11.40 -5.74
C LEU C 54 4.37 -11.66 -4.85
N TYR C 55 4.56 -12.93 -4.49
CA TYR C 55 5.66 -13.35 -3.65
C TYR C 55 6.50 -14.36 -4.41
N PHE C 56 7.77 -14.50 -4.02
CA PHE C 56 8.68 -15.43 -4.66
C PHE C 56 9.58 -16.11 -3.63
N LEU C 57 9.49 -17.44 -3.57
CA LEU C 57 10.33 -18.22 -2.67
C LEU C 57 11.33 -18.96 -3.56
N PRO C 58 12.59 -18.51 -3.57
CA PRO C 58 13.58 -19.19 -4.41
C PRO C 58 13.76 -20.64 -3.99
N GLU C 59 14.06 -21.49 -4.97
CA GLU C 59 14.28 -22.91 -4.72
C GLU C 59 15.33 -23.18 -3.63
N GLY C 60 14.94 -23.92 -2.61
CA GLY C 60 15.86 -24.27 -1.53
C GLY C 60 16.11 -23.23 -0.46
N GLU C 61 15.46 -22.07 -0.57
CA GLU C 61 15.66 -21.02 0.43
C GLU C 61 14.56 -21.03 1.49
N ASN C 62 14.83 -20.40 2.63
CA ASN C 62 13.88 -20.38 3.75
C ASN C 62 12.98 -19.15 3.88
N PHE C 63 13.30 -18.07 3.18
CA PHE C 63 12.50 -16.86 3.30
C PHE C 63 11.91 -16.31 2.03
N VAL C 64 10.58 -16.22 2.02
CA VAL C 64 9.86 -15.72 0.86
C VAL C 64 10.08 -14.22 0.71
N TYR C 65 10.15 -13.74 -0.53
CA TYR C 65 10.31 -12.32 -0.78
C TYR C 65 9.04 -11.78 -1.42
N GLN C 66 8.62 -10.59 -1.00
CA GLN C 66 7.44 -9.98 -1.61
C GLN C 66 8.03 -9.31 -2.84
N VAL C 67 7.52 -9.66 -4.02
CA VAL C 67 8.03 -9.08 -5.25
C VAL C 67 7.33 -7.75 -5.52
N GLY C 68 6.04 -7.67 -5.20
CA GLY C 68 5.33 -6.44 -5.43
C GLY C 68 3.89 -6.51 -5.02
N ARG C 69 3.22 -5.36 -5.07
CA ARG C 69 1.82 -5.27 -4.70
C ARG C 69 1.15 -4.24 -5.61
N VAL C 70 0.00 -4.61 -6.16
CA VAL C 70 -0.76 -3.72 -7.02
C VAL C 70 -2.15 -3.48 -6.43
N GLU C 71 -2.46 -2.22 -6.14
CA GLU C 71 -3.77 -1.88 -5.59
C GLU C 71 -4.62 -1.28 -6.70
N PHE C 72 -5.83 -1.81 -6.86
CA PHE C 72 -6.80 -1.35 -7.86
C PHE C 72 -7.72 -0.47 -7.04
N THR C 73 -7.54 0.84 -7.18
CA THR C 73 -8.27 1.81 -6.37
C THR C 73 -9.49 2.55 -6.89
N ALA C 74 -9.86 2.36 -8.15
CA ALA C 74 -11.05 3.05 -8.68
C ALA C 74 -12.16 2.03 -8.92
N HIS C 75 -13.34 2.27 -8.37
CA HIS C 75 -14.45 1.35 -8.55
C HIS C 75 -15.80 2.01 -8.81
N GLY C 76 -15.80 3.08 -9.59
CA GLY C 76 -17.04 3.75 -9.96
C GLY C 76 -17.62 4.80 -9.03
N GLU C 77 -17.10 4.88 -7.81
CA GLU C 77 -17.61 5.84 -6.84
C GLU C 77 -17.39 7.29 -7.27
N SER C 78 -18.38 8.15 -6.99
CA SER C 78 -18.29 9.57 -7.30
C SER C 78 -19.27 10.34 -6.42
N VAL C 79 -19.20 11.67 -6.44
CA VAL C 79 -20.11 12.47 -5.63
C VAL C 79 -21.55 12.26 -6.07
N ASN C 80 -21.73 11.68 -7.25
CA ASN C 80 -23.07 11.42 -7.79
C ASN C 80 -23.59 10.04 -7.41
N GLY C 81 -22.84 9.35 -6.54
CA GLY C 81 -23.27 8.04 -6.09
C GLY C 81 -22.40 6.87 -6.52
N PRO C 82 -22.70 5.67 -6.01
CA PRO C 82 -21.89 4.50 -6.37
C PRO C 82 -22.06 4.18 -7.86
N ASN C 83 -20.99 3.70 -8.48
CA ASN C 83 -21.01 3.32 -9.89
C ASN C 83 -21.47 4.42 -10.85
N THR C 84 -20.93 5.63 -10.70
CA THR C 84 -21.32 6.74 -11.58
C THR C 84 -20.15 7.49 -12.20
N SER C 85 -18.93 7.18 -11.75
CA SER C 85 -17.75 7.87 -12.24
C SER C 85 -17.26 7.41 -13.61
N ASP C 86 -17.64 6.20 -14.00
CA ASP C 86 -17.20 5.62 -15.26
C ASP C 86 -15.69 5.40 -15.21
N VAL C 87 -15.15 5.28 -14.00
CA VAL C 87 -13.72 5.04 -13.83
C VAL C 87 -13.51 3.80 -12.97
N TYR C 88 -13.05 2.73 -13.59
CA TYR C 88 -12.82 1.47 -12.88
C TYR C 88 -11.43 0.91 -13.18
N THR C 89 -10.79 0.35 -12.15
CA THR C 89 -9.46 -0.23 -12.32
C THR C 89 -9.63 -1.75 -12.30
N GLU C 90 -9.33 -2.38 -13.43
CA GLU C 90 -9.46 -3.81 -13.56
C GLU C 90 -8.37 -4.56 -12.79
N PRO C 91 -8.74 -5.71 -12.20
CA PRO C 91 -7.82 -6.55 -11.40
C PRO C 91 -6.78 -7.31 -12.21
N ILE C 92 -5.96 -6.57 -12.93
CA ILE C 92 -4.91 -7.16 -13.74
C ILE C 92 -3.60 -6.53 -13.30
N ALA C 93 -2.68 -7.36 -12.77
CA ALA C 93 -1.40 -6.87 -12.28
C ALA C 93 -0.21 -7.44 -13.03
N TYR C 94 0.75 -6.57 -13.32
CA TYR C 94 1.96 -6.95 -14.03
C TYR C 94 3.16 -6.60 -13.18
N PHE C 95 4.11 -7.54 -13.09
CA PHE C 95 5.32 -7.34 -12.31
C PHE C 95 6.54 -7.70 -13.15
N VAL C 96 7.54 -6.82 -13.17
CA VAL C 96 8.76 -7.12 -13.91
C VAL C 96 9.82 -7.44 -12.87
N LEU C 97 10.17 -8.72 -12.77
CA LEU C 97 11.14 -9.21 -11.79
C LEU C 97 12.50 -9.52 -12.42
N LYS C 98 13.56 -9.02 -11.81
CA LYS C 98 14.90 -9.28 -12.31
C LYS C 98 15.55 -10.31 -11.40
N THR C 99 15.71 -11.53 -11.91
CA THR C 99 16.33 -12.62 -11.17
C THR C 99 16.72 -13.77 -12.08
N LYS C 100 17.72 -14.54 -11.68
CA LYS C 100 18.18 -15.69 -12.45
C LYS C 100 17.86 -16.96 -11.66
N LYS C 101 17.24 -16.78 -10.49
CA LYS C 101 16.89 -17.90 -9.65
C LYS C 101 15.59 -18.54 -10.10
N LYS C 102 15.34 -19.73 -9.59
CA LYS C 102 14.11 -20.46 -9.89
C LYS C 102 13.43 -20.67 -8.56
N GLY C 103 12.17 -21.08 -8.59
CA GLY C 103 11.46 -21.31 -7.35
C GLY C 103 9.96 -21.35 -7.52
N LYS C 104 9.25 -20.80 -6.54
CA LYS C 104 7.80 -20.78 -6.57
C LYS C 104 7.25 -19.37 -6.40
N LEU C 105 6.31 -19.01 -7.28
CA LEU C 105 5.67 -17.71 -7.23
C LEU C 105 4.28 -17.88 -6.61
N TYR C 106 3.92 -16.97 -5.71
CA TYR C 106 2.61 -17.02 -5.06
C TYR C 106 1.88 -15.71 -5.32
N ALA C 107 0.57 -15.79 -5.47
CA ALA C 107 -0.25 -14.61 -5.67
C ALA C 107 -1.27 -14.60 -4.54
N LEU C 108 -1.45 -13.43 -3.94
CA LEU C 108 -2.42 -13.27 -2.87
C LEU C 108 -3.32 -12.12 -3.28
N SER C 109 -4.62 -12.36 -3.34
CA SER C 109 -5.55 -11.32 -3.76
C SER C 109 -6.65 -11.15 -2.72
N TYR C 110 -7.25 -9.97 -2.70
CA TYR C 110 -8.28 -9.68 -1.72
C TYR C 110 -9.52 -9.05 -2.34
N CYS C 111 -10.67 -9.64 -2.04
CA CYS C 111 -11.95 -9.13 -2.51
C CYS C 111 -12.53 -8.38 -1.32
N ASN C 112 -13.16 -7.24 -1.56
CA ASN C 112 -13.70 -6.46 -0.45
C ASN C 112 -14.81 -7.18 0.34
N ILE C 113 -15.43 -8.21 -0.22
CA ILE C 113 -16.47 -8.92 0.53
C ILE C 113 -16.27 -10.43 0.59
N HIS C 114 -15.35 -10.96 -0.23
CA HIS C 114 -15.11 -12.40 -0.26
C HIS C 114 -13.77 -12.87 0.31
N GLY C 115 -13.15 -12.03 1.13
CA GLY C 115 -11.89 -12.41 1.75
C GLY C 115 -10.65 -12.58 0.87
N LEU C 116 -9.69 -13.30 1.43
CA LEU C 116 -8.40 -13.57 0.76
C LEU C 116 -8.39 -14.78 -0.15
N TRP C 117 -7.62 -14.68 -1.23
CA TRP C 117 -7.51 -15.76 -2.18
C TRP C 117 -6.05 -15.93 -2.60
N GLU C 118 -5.66 -17.16 -2.92
CA GLU C 118 -4.29 -17.44 -3.31
C GLU C 118 -4.18 -18.44 -4.46
N ASN C 119 -2.98 -18.49 -5.02
CA ASN C 119 -2.63 -19.40 -6.11
C ASN C 119 -1.11 -19.36 -6.20
N GLU C 120 -0.53 -20.35 -6.85
CA GLU C 120 0.92 -20.39 -6.98
C GLU C 120 1.29 -21.14 -8.24
N VAL C 121 2.52 -20.94 -8.70
CA VAL C 121 3.03 -21.63 -9.88
C VAL C 121 4.54 -21.75 -9.73
N THR C 122 5.11 -22.76 -10.36
CA THR C 122 6.55 -22.97 -10.29
C THR C 122 7.23 -22.05 -11.31
N LEU C 123 8.28 -21.37 -10.88
CA LEU C 123 9.01 -20.50 -11.78
C LEU C 123 10.21 -21.31 -12.28
N GLU C 124 10.14 -21.76 -13.52
CA GLU C 124 11.21 -22.56 -14.09
C GLU C 124 12.39 -21.70 -14.53
N MET D 1 0.81 -23.86 -1.03
CA MET D 1 0.09 -22.96 -0.10
C MET D 1 1.03 -21.88 0.44
N ILE D 2 0.59 -20.62 0.35
CA ILE D 2 1.38 -19.49 0.83
C ILE D 2 1.66 -19.61 2.32
N SER D 3 0.78 -20.33 3.02
CA SER D 3 0.93 -20.53 4.46
C SER D 3 2.26 -21.23 4.77
N GLU D 4 2.84 -21.88 3.77
CA GLU D 4 4.11 -22.56 3.97
C GLU D 4 5.28 -21.59 4.06
N THR D 5 5.01 -20.31 3.78
CA THR D 5 6.03 -19.27 3.84
C THR D 5 5.78 -18.34 5.01
N ILE D 6 4.70 -18.59 5.76
CA ILE D 6 4.35 -17.75 6.90
C ILE D 6 4.76 -18.42 8.20
N ARG D 7 5.52 -17.70 9.02
CA ARG D 7 5.97 -18.24 10.30
C ARG D 7 5.18 -17.65 11.45
N SER D 8 5.07 -18.44 12.52
CA SER D 8 4.35 -18.01 13.72
C SER D 8 5.15 -18.44 14.95
N GLY D 9 4.71 -18.03 16.14
CA GLY D 9 5.43 -18.42 17.32
C GLY D 9 5.23 -17.59 18.58
N ASP D 10 6.06 -17.88 19.58
CA ASP D 10 6.02 -17.18 20.86
C ASP D 10 6.70 -15.82 20.74
N TRP D 11 5.96 -14.76 21.00
CA TRP D 11 6.50 -13.41 20.92
C TRP D 11 7.55 -13.13 21.99
N LYS D 12 7.52 -13.92 23.06
CA LYS D 12 8.49 -13.74 24.15
C LYS D 12 9.84 -14.35 23.80
N GLY D 13 9.90 -15.08 22.69
CA GLY D 13 11.14 -15.70 22.28
C GLY D 13 11.56 -15.39 20.85
N GLU D 14 10.61 -14.92 20.04
CA GLU D 14 10.88 -14.59 18.65
C GLU D 14 10.63 -13.10 18.39
N LYS D 15 11.72 -12.35 18.29
CA LYS D 15 11.64 -10.90 18.06
C LYS D 15 11.05 -10.53 16.70
N HIS D 16 10.30 -11.46 16.10
CA HIS D 16 9.68 -11.21 14.80
C HIS D 16 8.17 -11.25 14.86
N VAL D 17 7.64 -12.12 15.72
CA VAL D 17 6.21 -12.29 15.87
C VAL D 17 5.47 -11.00 16.20
N PRO D 18 4.44 -10.67 15.41
CA PRO D 18 3.68 -9.44 15.67
C PRO D 18 2.80 -9.63 16.90
N VAL D 19 2.89 -8.71 17.85
CA VAL D 19 2.09 -8.80 19.07
C VAL D 19 0.84 -7.94 18.95
N ILE D 20 -0.32 -8.54 19.17
CA ILE D 20 -1.59 -7.83 19.06
C ILE D 20 -2.23 -7.58 20.41
N GLU D 21 -2.61 -6.33 20.65
CA GLU D 21 -3.25 -5.95 21.89
C GLU D 21 -4.38 -5.01 21.53
N TYR D 22 -5.48 -5.10 22.25
CA TYR D 22 -6.59 -4.21 21.96
C TYR D 22 -7.33 -3.78 23.20
N GLU D 23 -8.18 -2.80 22.99
CA GLU D 23 -8.98 -2.20 24.04
C GLU D 23 -10.33 -1.88 23.41
N ARG D 24 -11.41 -2.23 24.08
CA ARG D 24 -12.75 -1.96 23.55
C ARG D 24 -13.41 -0.81 24.28
N GLU D 25 -13.67 0.28 23.56
CA GLU D 25 -14.32 1.45 24.13
C GLU D 25 -15.69 1.60 23.48
N GLY D 26 -16.66 0.84 23.98
CA GLY D 26 -17.99 0.90 23.43
C GLY D 26 -18.07 0.32 22.03
N GLU D 27 -18.20 1.19 21.03
CA GLU D 27 -18.30 0.76 19.64
C GLU D 27 -16.94 0.74 18.96
N LEU D 28 -15.95 1.34 19.59
CA LEU D 28 -14.62 1.40 19.02
C LEU D 28 -13.68 0.37 19.60
N VAL D 29 -12.89 -0.24 18.73
CA VAL D 29 -11.91 -1.20 19.15
C VAL D 29 -10.58 -0.63 18.69
N LYS D 30 -9.74 -0.28 19.65
CA LYS D 30 -8.43 0.29 19.37
C LYS D 30 -7.43 -0.85 19.42
N VAL D 31 -6.82 -1.16 18.28
CA VAL D 31 -5.87 -2.26 18.21
C VAL D 31 -4.44 -1.78 18.00
N LYS D 32 -3.53 -2.34 18.78
CA LYS D 32 -2.12 -2.01 18.68
C LYS D 32 -1.38 -3.27 18.29
N VAL D 33 -0.52 -3.17 17.28
CA VAL D 33 0.25 -4.31 16.83
C VAL D 33 1.70 -3.85 16.69
N GLN D 34 2.62 -4.66 17.20
CA GLN D 34 4.02 -4.31 17.10
C GLN D 34 4.93 -5.52 17.06
N VAL D 35 6.03 -5.35 16.35
CA VAL D 35 7.04 -6.38 16.21
C VAL D 35 8.22 -5.87 17.01
N GLY D 36 8.74 -6.69 17.93
CA GLY D 36 9.87 -6.27 18.72
C GLY D 36 9.50 -5.73 20.09
N LYS D 37 8.36 -6.17 20.61
CA LYS D 37 7.92 -5.72 21.94
C LYS D 37 8.90 -6.22 22.98
N GLU D 38 9.08 -7.53 23.05
CA GLU D 38 9.99 -8.15 24.00
C GLU D 38 11.43 -7.89 23.56
N ILE D 39 11.74 -8.26 22.33
CA ILE D 39 13.09 -8.07 21.83
C ILE D 39 13.17 -7.15 20.63
N PRO D 40 13.27 -5.82 20.88
CA PRO D 40 13.37 -4.93 19.73
C PRO D 40 14.07 -5.54 18.56
N HIS D 41 13.56 -5.15 17.43
CA HIS D 41 13.96 -5.65 16.16
C HIS D 41 14.78 -4.66 15.36
N PRO D 42 15.87 -5.12 14.74
CA PRO D 42 16.69 -4.23 13.95
C PRO D 42 15.81 -3.41 12.99
N ASN D 43 16.23 -2.18 12.72
CA ASN D 43 15.55 -1.29 11.80
C ASN D 43 16.64 -0.54 11.09
N THR D 44 17.27 -1.21 10.14
CA THR D 44 18.36 -0.62 9.39
C THR D 44 17.99 -0.69 7.92
N THR D 45 18.76 0.00 7.09
CA THR D 45 18.50 0.02 5.67
C THR D 45 18.53 -1.40 5.10
N GLU D 46 19.35 -2.26 5.70
CA GLU D 46 19.48 -3.63 5.23
C GLU D 46 18.52 -4.64 5.86
N HIS D 47 18.05 -4.35 7.07
CA HIS D 47 17.17 -5.26 7.79
C HIS D 47 16.06 -4.53 8.55
N HIS D 48 14.82 -4.65 8.07
CA HIS D 48 13.71 -3.95 8.71
C HIS D 48 12.33 -4.54 8.42
N ILE D 49 11.37 -4.20 9.27
CA ILE D 49 10.00 -4.64 9.11
C ILE D 49 9.35 -3.65 8.15
N ARG D 50 8.78 -4.16 7.06
CA ARG D 50 8.16 -3.33 6.03
C ARG D 50 6.74 -2.86 6.35
N TYR D 51 5.94 -3.72 6.95
CA TYR D 51 4.55 -3.37 7.26
C TYR D 51 3.87 -4.38 8.17
N ILE D 52 2.70 -3.98 8.64
CA ILE D 52 1.85 -4.81 9.48
C ILE D 52 0.42 -4.63 8.99
N GLU D 53 -0.29 -5.74 8.82
CA GLU D 53 -1.67 -5.71 8.36
C GLU D 53 -2.54 -6.33 9.44
N LEU D 54 -3.76 -5.84 9.55
CA LEU D 54 -4.69 -6.37 10.53
C LEU D 54 -5.94 -6.87 9.82
N TYR D 55 -6.36 -8.08 10.15
CA TYR D 55 -7.56 -8.69 9.57
C TYR D 55 -8.53 -9.05 10.67
N PHE D 56 -9.81 -9.17 10.30
CA PHE D 56 -10.85 -9.51 11.26
C PHE D 56 -11.89 -10.47 10.67
N LEU D 57 -12.00 -11.64 11.28
CA LEU D 57 -12.99 -12.62 10.86
C LEU D 57 -14.06 -12.65 11.96
N PRO D 58 -15.21 -12.02 11.70
CA PRO D 58 -16.27 -12.02 12.74
C PRO D 58 -16.71 -13.44 13.08
N GLU D 59 -17.11 -13.63 14.33
CA GLU D 59 -17.55 -14.93 14.80
C GLU D 59 -18.66 -15.50 13.94
N GLY D 60 -18.48 -16.74 13.49
CA GLY D 60 -19.48 -17.40 12.67
C GLY D 60 -19.58 -16.99 11.22
N GLU D 61 -18.73 -16.09 10.75
CA GLU D 61 -18.80 -15.65 9.35
C GLU D 61 -17.77 -16.36 8.49
N ASN D 62 -17.98 -16.35 7.18
CA ASN D 62 -17.10 -17.04 6.24
C ASN D 62 -16.03 -16.21 5.56
N PHE D 63 -16.12 -14.89 5.65
CA PHE D 63 -15.14 -14.05 4.97
C PHE D 63 -14.40 -13.07 5.84
N VAL D 64 -13.08 -13.16 5.80
CA VAL D 64 -12.24 -12.28 6.60
C VAL D 64 -12.19 -10.89 5.96
N TYR D 65 -12.12 -9.86 6.79
CA TYR D 65 -12.05 -8.49 6.28
C TYR D 65 -10.69 -7.92 6.64
N GLN D 66 -10.09 -7.19 5.70
CA GLN D 66 -8.83 -6.55 5.99
C GLN D 66 -9.26 -5.27 6.69
N VAL D 67 -8.76 -5.06 7.90
CA VAL D 67 -9.12 -3.88 8.66
C VAL D 67 -8.20 -2.72 8.30
N GLY D 68 -6.92 -3.02 8.13
CA GLY D 68 -5.99 -1.97 7.78
C GLY D 68 -4.61 -2.46 7.42
N ARG D 69 -3.77 -1.52 6.99
CA ARG D 69 -2.41 -1.84 6.62
C ARG D 69 -1.56 -0.62 6.94
N VAL D 70 -0.45 -0.86 7.63
CA VAL D 70 0.45 0.22 7.99
C VAL D 70 1.83 -0.11 7.43
N GLU D 71 2.36 0.79 6.61
CA GLU D 71 3.68 0.58 6.05
C GLU D 71 4.66 1.46 6.78
N PHE D 72 5.81 0.88 7.16
CA PHE D 72 6.87 1.62 7.83
C PHE D 72 7.89 1.85 6.71
N THR D 73 7.90 3.06 6.17
CA THR D 73 8.75 3.37 5.02
C THR D 73 10.10 4.06 5.14
N ALA D 74 10.50 4.46 6.33
CA ALA D 74 11.80 5.11 6.48
C ALA D 74 12.73 4.20 7.26
N HIS D 75 13.90 3.91 6.69
CA HIS D 75 14.86 3.03 7.35
C HIS D 75 16.31 3.50 7.31
N GLY D 76 16.50 4.82 7.46
CA GLY D 76 17.85 5.38 7.50
C GLY D 76 18.57 5.70 6.21
N GLU D 77 18.01 5.26 5.10
CA GLU D 77 18.62 5.51 3.80
C GLU D 77 18.66 6.99 3.42
N SER D 78 19.75 7.41 2.79
CA SER D 78 19.92 8.79 2.32
C SER D 78 20.99 8.80 1.21
N VAL D 79 21.14 9.94 0.53
CA VAL D 79 22.13 10.09 -0.54
C VAL D 79 23.55 9.89 0.01
N ASN D 80 23.67 9.88 1.33
CA ASN D 80 24.96 9.68 1.99
C ASN D 80 25.26 8.22 2.21
N GLY D 81 24.28 7.37 1.99
CA GLY D 81 24.49 5.95 2.17
C GLY D 81 23.45 5.35 3.08
N PRO D 82 23.56 4.04 3.35
CA PRO D 82 22.63 3.35 4.23
C PRO D 82 22.80 3.79 5.68
N ASN D 83 21.70 3.87 6.41
CA ASN D 83 21.74 4.26 7.82
C ASN D 83 22.42 5.61 8.11
N THR D 84 22.09 6.65 7.35
CA THR D 84 22.70 7.96 7.58
C THR D 84 21.69 9.11 7.68
N SER D 85 20.41 8.83 7.41
CA SER D 85 19.39 9.88 7.45
C SER D 85 18.90 10.27 8.83
N ASP D 86 19.05 9.37 9.81
CA ASP D 86 18.56 9.60 11.17
C ASP D 86 17.03 9.65 11.17
N VAL D 87 16.42 9.02 10.16
CA VAL D 87 14.97 8.96 10.06
C VAL D 87 14.56 7.50 9.92
N TYR D 88 13.94 6.96 10.98
CA TYR D 88 13.48 5.57 10.96
C TYR D 88 12.04 5.49 11.44
N THR D 89 11.27 4.62 10.81
CA THR D 89 9.87 4.42 11.21
C THR D 89 9.79 3.11 11.97
N GLU D 90 9.40 3.17 13.24
CA GLU D 90 9.30 1.99 14.08
C GLU D 90 8.10 1.12 13.72
N PRO D 91 8.27 -0.21 13.79
CA PRO D 91 7.20 -1.15 13.46
C PRO D 91 6.10 -1.24 14.51
N ILE D 92 5.41 -0.13 14.71
CA ILE D 92 4.31 -0.06 15.65
C ILE D 92 3.10 0.45 14.89
N ALA D 93 2.06 -0.38 14.81
CA ALA D 93 0.85 -0.01 14.08
C ALA D 93 -0.39 0.09 14.97
N TYR D 94 -1.16 1.14 14.75
CA TYR D 94 -2.40 1.39 15.49
C TYR D 94 -3.59 1.38 14.54
N PHE D 95 -4.68 0.73 14.95
CA PHE D 95 -5.89 0.66 14.14
C PHE D 95 -7.11 0.96 14.99
N VAL D 96 -7.97 1.84 14.52
CA VAL D 96 -9.19 2.17 15.23
C VAL D 96 -10.32 1.55 14.43
N LEU D 97 -10.85 0.46 14.98
CA LEU D 97 -11.91 -0.32 14.35
C LEU D 97 -13.29 -0.09 14.97
N LYS D 98 -14.26 0.33 14.15
CA LYS D 98 -15.60 0.55 14.64
C LYS D 98 -16.46 -0.68 14.33
N THR D 99 -16.79 -1.43 15.38
CA THR D 99 -17.60 -2.63 15.24
C THR D 99 -18.11 -3.13 16.58
N LYS D 100 -19.28 -3.77 16.56
CA LYS D 100 -19.87 -4.31 17.77
C LYS D 100 -19.78 -5.83 17.72
N LYS D 101 -19.20 -6.34 16.64
CA LYS D 101 -19.06 -7.78 16.48
C LYS D 101 -17.84 -8.31 17.22
N LYS D 102 -17.85 -9.62 17.43
CA LYS D 102 -16.75 -10.32 18.10
C LYS D 102 -16.18 -11.28 17.07
N GLY D 103 -15.00 -11.79 17.34
CA GLY D 103 -14.40 -12.73 16.41
C GLY D 103 -12.92 -12.90 16.65
N LYS D 104 -12.18 -13.05 15.55
CA LYS D 104 -10.74 -13.23 15.63
C LYS D 104 -10.00 -12.16 14.83
N LEU D 105 -8.93 -11.65 15.42
CA LEU D 105 -8.10 -10.64 14.78
C LEU D 105 -6.79 -11.33 14.40
N TYR D 106 -6.31 -11.07 13.18
CA TYR D 106 -5.05 -11.65 12.72
C TYR D 106 -4.12 -10.51 12.32
N ALA D 107 -2.83 -10.68 12.61
CA ALA D 107 -1.83 -9.70 12.22
C ALA D 107 -0.87 -10.42 11.29
N LEU D 108 -0.51 -9.74 10.18
CA LEU D 108 0.42 -10.30 9.21
C LEU D 108 1.49 -9.25 8.99
N SER D 109 2.75 -9.62 9.24
CA SER D 109 3.87 -8.70 9.06
C SER D 109 4.92 -9.29 8.13
N TYR D 110 5.67 -8.40 7.50
CA TYR D 110 6.71 -8.80 6.56
C TYR D 110 8.04 -8.14 6.88
N CYS D 111 9.03 -8.97 7.17
CA CYS D 111 10.37 -8.46 7.46
C CYS D 111 10.97 -8.47 6.10
N ASN D 112 12.01 -7.70 5.77
CA ASN D 112 12.49 -7.70 4.41
C ASN D 112 13.43 -8.84 4.00
N ILE D 113 14.02 -9.55 4.96
CA ILE D 113 14.95 -10.63 4.65
C ILE D 113 14.54 -11.87 5.43
N HIS D 114 13.42 -11.74 6.12
CA HIS D 114 12.97 -12.84 6.94
C HIS D 114 11.59 -13.37 6.62
N GLY D 115 10.97 -12.86 5.56
CA GLY D 115 9.67 -13.36 5.17
C GLY D 115 8.47 -12.88 5.94
N LEU D 116 7.38 -13.65 5.83
CA LEU D 116 6.11 -13.32 6.47
C LEU D 116 5.94 -13.91 7.86
N TRP D 117 5.31 -13.13 8.74
CA TRP D 117 5.06 -13.55 10.10
C TRP D 117 3.62 -13.25 10.47
N GLU D 118 3.03 -14.10 11.33
CA GLU D 118 1.63 -13.92 11.74
C GLU D 118 1.39 -14.17 13.21
N ASN D 119 0.21 -13.74 13.65
CA ASN D 119 -0.25 -13.92 15.03
C ASN D 119 -1.75 -13.64 15.02
N GLU D 120 -2.44 -14.02 16.09
CA GLU D 120 -3.87 -13.82 16.17
C GLU D 120 -4.37 -13.88 17.62
N VAL D 121 -5.41 -13.10 17.92
CA VAL D 121 -6.01 -13.09 19.25
C VAL D 121 -7.51 -13.06 19.05
N THR D 122 -8.25 -13.50 20.07
CA THR D 122 -9.70 -13.49 20.00
C THR D 122 -10.18 -12.12 20.43
N LEU D 123 -11.09 -11.53 19.66
CA LEU D 123 -11.64 -10.24 19.99
C LEU D 123 -12.95 -10.52 20.72
N GLU D 124 -12.98 -10.21 22.01
CA GLU D 124 -14.18 -10.45 22.82
C GLU D 124 -15.11 -9.26 22.81
FE FE2 E . 17.03 8.00 -6.85
FE FE2 F . -15.44 13.17 1.23
FE FE2 G . -15.89 -11.22 -4.73
FE FE2 H . 14.24 -10.06 10.70
#